data_4CHB
#
_entry.id   4CHB
#
_cell.length_a   117.700
_cell.length_b   117.700
_cell.length_c   106.650
_cell.angle_alpha   90.00
_cell.angle_beta   90.00
_cell.angle_gamma   90.00
#
_symmetry.space_group_name_H-M   'P 43 21 2'
#
loop_
_entity.id
_entity.type
_entity.pdbx_description
1 polymer 'KELCH-LIKE PROTEIN 2'
2 polymer 'SERINE/THREONINE-PROTEIN KINASE WNK4'
3 non-polymer 1,2-ETHANEDIOL
4 non-polymer 'SULFATE ION'
5 non-polymer 'DODECAETHYLENE GLYCOL'
6 water water
#
loop_
_entity_poly.entity_id
_entity_poly.type
_entity_poly.pdbx_seq_one_letter_code
_entity_poly.pdbx_strand_id
1 'polypeptide(L)'
;SMSVRTRLRTPMNLPKLMVVVGGQAPKAIRSVECYDFKEERWHQVAELPSRRCRAGMVYMAGLVFAVGGFNGSLRVRTVD
SYDPVKDQWTSVANMRDRRSTLGAAVLNGLLYAVGGFDGSTGLSSVEAYNIKSNEWFHVAPMNTRRSSVGVGVVGGLLYA
VGGYDVASRQCLSTVECYNATTNEWTYIAEMSTRRSGAGVGVLNNLLYAVGGHDGPLVRKSVEVYDPTTNAWRQVADMNM
CRRNAGVCAVNGLLYVVGGDDGSCNLASVEYYNPTTDKWTVVSSCMSTGRSYAGVTVIDKRL
;
A,B
2 'polypeptide(L)' EPEEPEADQHQ C,D
#
# COMPACT_ATOMS: atom_id res chain seq x y z
N PRO A 15 31.01 5.21 -14.47
CA PRO A 15 29.67 5.66 -14.88
C PRO A 15 28.60 5.35 -13.82
N LYS A 16 28.11 6.40 -13.17
CA LYS A 16 27.12 6.23 -12.12
C LYS A 16 25.79 6.84 -12.52
N LEU A 17 24.73 6.36 -11.88
CA LEU A 17 23.41 6.95 -11.95
C LEU A 17 22.92 7.25 -10.56
N MET A 18 22.32 8.42 -10.37
CA MET A 18 21.69 8.73 -9.10
C MET A 18 20.22 8.37 -9.19
N VAL A 19 19.73 7.62 -8.21
CA VAL A 19 18.36 7.14 -8.25
C VAL A 19 17.58 7.78 -7.11
N VAL A 20 16.44 8.37 -7.45
CA VAL A 20 15.60 9.06 -6.49
C VAL A 20 14.25 8.39 -6.47
N VAL A 21 13.85 7.89 -5.30
CA VAL A 21 12.72 6.98 -5.19
C VAL A 21 11.62 7.55 -4.29
N GLY A 22 10.44 7.74 -4.86
CA GLY A 22 9.31 8.18 -4.06
C GLY A 22 9.48 9.58 -3.47
N GLY A 23 8.86 9.81 -2.32
CA GLY A 23 8.89 11.12 -1.69
C GLY A 23 7.51 11.73 -1.67
N GLN A 24 7.42 12.95 -1.16
CA GLN A 24 6.19 13.72 -1.11
C GLN A 24 6.28 14.87 -2.07
N ALA A 25 5.24 15.04 -2.89
CA ALA A 25 5.27 16.06 -3.93
C ALA A 25 3.89 16.58 -4.33
N PRO A 26 3.08 17.02 -3.37
CA PRO A 26 3.28 17.12 -1.92
C PRO A 26 2.84 15.88 -1.14
N LYS A 27 2.11 14.97 -1.78
CA LYS A 27 1.71 13.72 -1.12
C LYS A 27 2.61 12.60 -1.60
N ALA A 28 2.55 11.44 -0.95
CA ALA A 28 3.39 10.31 -1.33
C ALA A 28 3.22 9.93 -2.80
N ILE A 29 4.32 9.70 -3.49
CA ILE A 29 4.28 9.35 -4.91
C ILE A 29 4.98 8.03 -5.22
N ARG A 30 4.77 7.51 -6.43
CA ARG A 30 5.40 6.28 -6.88
C ARG A 30 6.64 6.54 -7.73
N SER A 31 6.80 7.78 -8.19
CA SER A 31 7.83 8.11 -9.18
C SER A 31 9.24 7.71 -8.76
N VAL A 32 9.96 7.10 -9.68
CA VAL A 32 11.38 6.80 -9.53
C VAL A 32 12.12 7.48 -10.66
N GLU A 33 13.06 8.37 -10.30
CA GLU A 33 13.81 9.10 -11.31
C GLU A 33 15.28 8.76 -11.22
N CYS A 34 15.95 8.84 -12.36
N CYS A 34 15.94 8.73 -12.37
CA CYS A 34 17.35 8.45 -12.46
CA CYS A 34 17.38 8.47 -12.43
C CYS A 34 18.16 9.53 -13.17
C CYS A 34 18.06 9.66 -13.07
N TYR A 35 19.21 10.04 -12.53
CA TYR A 35 20.02 11.08 -13.15
C TYR A 35 21.25 10.47 -13.78
N ASP A 36 21.40 10.68 -15.09
CA ASP A 36 22.55 10.20 -15.85
C ASP A 36 23.56 11.33 -15.93
N PHE A 37 24.71 11.16 -15.26
CA PHE A 37 25.70 12.22 -15.16
C PHE A 37 26.38 12.51 -16.49
N LYS A 38 26.50 11.50 -17.34
CA LYS A 38 27.12 11.69 -18.66
C LYS A 38 26.19 12.45 -19.60
N GLU A 39 24.93 12.01 -19.68
CA GLU A 39 23.94 12.69 -20.51
C GLU A 39 23.52 14.02 -19.89
N GLU A 40 23.71 14.12 -18.57
CA GLU A 40 23.24 15.26 -17.79
C GLU A 40 21.72 15.46 -17.92
N ARG A 41 20.99 14.36 -17.82
CA ARG A 41 19.52 14.38 -17.90
C ARG A 41 18.88 13.48 -16.86
N TRP A 42 17.68 13.84 -16.43
CA TRP A 42 16.86 12.98 -15.59
C TRP A 42 15.97 12.07 -16.43
N HIS A 43 15.71 10.89 -15.91
CA HIS A 43 14.78 9.95 -16.54
C HIS A 43 13.86 9.28 -15.54
N GLN A 44 12.60 9.08 -15.94
CA GLN A 44 11.72 8.24 -15.15
C GLN A 44 11.98 6.78 -15.47
N VAL A 45 12.14 5.95 -14.44
CA VAL A 45 12.26 4.52 -14.66
C VAL A 45 11.08 3.82 -13.98
N ALA A 46 11.14 2.50 -13.80
CA ALA A 46 9.97 1.78 -13.30
C ALA A 46 9.50 2.36 -11.96
N GLU A 47 8.22 2.73 -11.88
N GLU A 47 8.21 2.68 -11.89
CA GLU A 47 7.72 3.33 -10.66
CA GLU A 47 7.62 3.26 -10.69
C GLU A 47 7.60 2.30 -9.54
C GLU A 47 7.62 2.26 -9.54
N LEU A 48 7.64 2.77 -8.31
CA LEU A 48 7.40 1.93 -7.14
C LEU A 48 6.05 1.27 -7.30
N PRO A 49 5.92 0.04 -6.80
CA PRO A 49 4.62 -0.64 -6.88
C PRO A 49 3.52 0.09 -6.12
N SER A 50 3.90 0.77 -5.05
CA SER A 50 2.97 1.51 -4.21
C SER A 50 3.58 2.85 -3.84
N ARG A 51 2.74 3.87 -3.67
CA ARG A 51 3.20 5.21 -3.24
C ARG A 51 4.00 5.13 -1.94
N ARG A 52 5.15 5.78 -1.90
CA ARG A 52 5.97 5.79 -0.69
C ARG A 52 6.70 7.09 -0.51
N CYS A 53 6.76 7.55 0.73
CA CYS A 53 7.72 8.56 1.12
C CYS A 53 8.33 8.13 2.45
N ARG A 54 9.37 8.83 2.88
CA ARG A 54 9.96 8.59 4.20
C ARG A 54 10.53 7.18 4.34
N ALA A 55 10.94 6.58 3.23
CA ALA A 55 11.52 5.25 3.23
C ALA A 55 13.04 5.30 3.30
N GLY A 56 13.64 4.22 3.78
CA GLY A 56 15.08 4.06 3.68
C GLY A 56 15.44 3.57 2.30
N MET A 57 16.67 3.86 1.88
CA MET A 57 17.09 3.51 0.54
C MET A 57 18.55 3.12 0.53
N VAL A 58 18.86 1.95 -0.02
CA VAL A 58 20.25 1.53 -0.12
C VAL A 58 20.51 0.78 -1.40
N TYR A 59 21.78 0.71 -1.76
CA TYR A 59 22.24 -0.11 -2.88
C TYR A 59 22.98 -1.29 -2.30
N MET A 60 22.50 -2.50 -2.58
CA MET A 60 23.14 -3.69 -2.02
C MET A 60 22.99 -4.84 -2.98
N ALA A 61 24.08 -5.57 -3.21
CA ALA A 61 24.05 -6.73 -4.08
C ALA A 61 23.50 -6.40 -5.48
N GLY A 62 23.79 -5.19 -5.95
CA GLY A 62 23.36 -4.79 -7.29
C GLY A 62 21.91 -4.33 -7.38
N LEU A 63 21.23 -4.29 -6.25
CA LEU A 63 19.83 -3.91 -6.21
C LEU A 63 19.62 -2.65 -5.38
N VAL A 64 18.56 -1.91 -5.68
CA VAL A 64 18.15 -0.82 -4.82
C VAL A 64 17.05 -1.32 -3.88
N PHE A 65 17.27 -1.20 -2.57
CA PHE A 65 16.27 -1.59 -1.59
C PHE A 65 15.55 -0.36 -1.06
N ALA A 66 14.22 -0.38 -1.18
CA ALA A 66 13.36 0.64 -0.61
C ALA A 66 12.74 0.03 0.64
N VAL A 67 12.95 0.69 1.76
CA VAL A 67 12.69 0.09 3.06
C VAL A 67 11.68 0.87 3.87
N GLY A 68 10.52 0.28 4.16
CA GLY A 68 9.52 0.93 5.00
C GLY A 68 8.94 2.18 4.37
N GLY A 69 8.67 3.19 5.20
CA GLY A 69 8.08 4.43 4.74
C GLY A 69 6.61 4.60 5.10
N PHE A 70 5.96 5.42 4.29
CA PHE A 70 4.62 5.96 4.58
C PHE A 70 3.88 6.01 3.26
N ASN A 71 2.64 5.54 3.21
CA ASN A 71 1.93 5.52 1.93
C ASN A 71 0.91 6.64 1.79
N GLY A 72 0.99 7.62 2.70
CA GLY A 72 0.06 8.72 2.73
C GLY A 72 -0.99 8.52 3.80
N SER A 73 -1.14 7.27 4.27
CA SER A 73 -2.14 6.93 5.28
C SER A 73 -1.52 6.23 6.48
N LEU A 74 -0.80 5.15 6.20
CA LEU A 74 -0.21 4.31 7.22
C LEU A 74 1.29 4.21 7.06
N ARG A 75 1.98 4.03 8.17
CA ARG A 75 3.39 3.67 8.15
C ARG A 75 3.51 2.19 7.86
N VAL A 76 4.51 1.79 7.10
CA VAL A 76 4.53 0.41 6.57
C VAL A 76 5.77 -0.39 6.97
N ARG A 77 5.66 -1.71 6.89
CA ARG A 77 6.80 -2.58 7.14
C ARG A 77 7.27 -3.26 5.85
N THR A 78 6.74 -2.82 4.71
CA THR A 78 7.11 -3.40 3.44
C THR A 78 8.52 -3.02 3.00
N VAL A 79 9.08 -3.89 2.16
CA VAL A 79 10.42 -3.72 1.60
C VAL A 79 10.36 -4.20 0.16
N ASP A 80 10.91 -3.44 -0.77
CA ASP A 80 10.97 -3.86 -2.17
C ASP A 80 12.36 -3.64 -2.71
N SER A 81 12.74 -4.46 -3.68
CA SER A 81 14.04 -4.30 -4.30
C SER A 81 13.87 -4.03 -5.77
N TYR A 82 14.72 -3.14 -6.28
CA TYR A 82 14.71 -2.74 -7.69
C TYR A 82 15.93 -3.29 -8.39
N ASP A 83 15.71 -4.02 -9.49
CA ASP A 83 16.78 -4.53 -10.34
C ASP A 83 16.95 -3.56 -11.49
N PRO A 84 18.05 -2.80 -11.51
CA PRO A 84 18.25 -1.72 -12.49
C PRO A 84 18.42 -2.24 -13.92
N VAL A 85 18.82 -3.49 -14.05
CA VAL A 85 19.03 -4.08 -15.36
C VAL A 85 17.69 -4.49 -15.96
N LYS A 86 16.85 -5.11 -15.15
CA LYS A 86 15.53 -5.54 -15.60
C LYS A 86 14.50 -4.42 -15.47
N ASP A 87 14.85 -3.37 -14.73
CA ASP A 87 13.93 -2.24 -14.51
C ASP A 87 12.62 -2.74 -13.91
N GLN A 88 12.75 -3.49 -12.82
CA GLN A 88 11.62 -4.15 -12.17
C GLN A 88 11.75 -4.10 -10.67
N TRP A 89 10.63 -3.89 -9.98
CA TRP A 89 10.56 -3.98 -8.53
C TRP A 89 10.01 -5.34 -8.10
N THR A 90 10.56 -5.87 -7.01
CA THR A 90 10.11 -7.14 -6.45
C THR A 90 9.97 -7.00 -4.93
N SER A 91 8.93 -7.59 -4.36
CA SER A 91 8.77 -7.56 -2.89
C SER A 91 9.83 -8.42 -2.22
N VAL A 92 10.35 -7.93 -1.10
CA VAL A 92 11.19 -8.77 -0.25
C VAL A 92 10.46 -8.89 1.11
N ALA A 93 11.02 -9.68 2.01
CA ALA A 93 10.40 -9.91 3.32
C ALA A 93 10.07 -8.60 4.03
N ASN A 94 8.88 -8.51 4.60
CA ASN A 94 8.52 -7.41 5.48
C ASN A 94 9.44 -7.34 6.69
N MET A 95 9.70 -6.12 7.14
CA MET A 95 10.38 -5.93 8.42
C MET A 95 9.50 -6.38 9.57
N ARG A 96 10.12 -6.59 10.72
CA ARG A 96 9.39 -6.88 11.95
C ARG A 96 8.49 -5.71 12.32
N ASP A 97 9.06 -4.51 12.27
CA ASP A 97 8.34 -3.31 12.70
C ASP A 97 8.00 -2.38 11.55
N ARG A 98 6.86 -1.71 11.65
CA ARG A 98 6.59 -0.56 10.77
C ARG A 98 7.64 0.51 11.06
N ARG A 99 8.23 1.05 10.01
CA ARG A 99 9.26 2.08 10.17
C ARG A 99 9.12 3.12 9.07
N SER A 100 8.91 4.36 9.47
CA SER A 100 8.85 5.49 8.55
C SER A 100 9.78 6.56 9.09
N THR A 101 10.51 7.26 8.21
CA THR A 101 11.56 8.25 8.58
C THR A 101 12.73 7.56 9.31
N LEU A 102 12.91 6.28 8.99
CA LEU A 102 14.08 5.54 9.42
C LEU A 102 15.29 5.89 8.56
N GLY A 103 16.45 5.43 9.00
CA GLY A 103 17.62 5.42 8.15
C GLY A 103 17.95 3.99 7.79
N ALA A 104 18.48 3.77 6.59
CA ALA A 104 18.90 2.43 6.19
C ALA A 104 20.33 2.46 5.65
N ALA A 105 21.09 1.43 5.97
CA ALA A 105 22.48 1.37 5.51
C ALA A 105 22.93 -0.05 5.41
N VAL A 106 23.96 -0.28 4.58
CA VAL A 106 24.58 -1.58 4.47
C VAL A 106 25.89 -1.61 5.25
N LEU A 107 26.06 -2.64 6.07
CA LEU A 107 27.29 -2.83 6.83
C LEU A 107 27.63 -4.30 6.85
N ASN A 108 28.81 -4.66 6.37
CA ASN A 108 29.25 -6.05 6.32
C ASN A 108 28.24 -6.99 5.67
N GLY A 109 27.62 -6.53 4.58
CA GLY A 109 26.73 -7.38 3.82
C GLY A 109 25.33 -7.51 4.40
N LEU A 110 25.06 -6.80 5.49
CA LEU A 110 23.73 -6.77 6.08
C LEU A 110 23.07 -5.41 5.87
N LEU A 111 21.77 -5.42 5.65
CA LEU A 111 21.00 -4.19 5.50
C LEU A 111 20.34 -3.83 6.82
N TYR A 112 20.71 -2.68 7.39
CA TYR A 112 20.17 -2.24 8.66
C TYR A 112 19.07 -1.21 8.49
N ALA A 113 17.96 -1.43 9.19
CA ALA A 113 16.87 -0.46 9.27
C ALA A 113 16.89 0.13 10.67
N VAL A 114 17.19 1.43 10.73
CA VAL A 114 17.53 2.07 11.99
C VAL A 114 16.47 3.06 12.42
N GLY A 115 15.88 2.84 13.59
CA GLY A 115 14.94 3.80 14.14
C GLY A 115 13.72 4.04 13.29
N GLY A 116 13.27 5.29 13.27
CA GLY A 116 12.06 5.65 12.55
C GLY A 116 10.88 5.81 13.49
N PHE A 117 9.70 5.67 12.91
CA PHE A 117 8.43 5.96 13.58
C PHE A 117 7.45 4.89 13.11
N ASP A 118 6.72 4.29 14.04
CA ASP A 118 5.84 3.18 13.66
C ASP A 118 4.37 3.59 13.58
N GLY A 119 4.12 4.89 13.65
CA GLY A 119 2.76 5.42 13.71
C GLY A 119 2.31 5.77 15.12
N SER A 120 3.04 5.29 16.12
N SER A 120 3.01 5.23 16.11
CA SER A 120 2.67 5.54 17.51
CA SER A 120 2.69 5.45 17.52
C SER A 120 3.78 6.27 18.25
C SER A 120 3.78 6.28 18.17
N THR A 121 4.99 5.74 18.17
CA THR A 121 6.14 6.43 18.76
C THR A 121 7.39 6.22 17.95
N GLY A 122 8.34 7.12 18.13
CA GLY A 122 9.65 6.97 17.53
C GLY A 122 10.31 5.73 18.10
N LEU A 123 11.25 5.18 17.33
CA LEU A 123 11.85 3.91 17.64
C LEU A 123 13.34 4.03 18.00
N SER A 124 13.74 3.30 19.04
CA SER A 124 15.18 3.08 19.24
C SER A 124 15.57 1.73 18.66
N SER A 125 14.57 0.92 18.32
CA SER A 125 14.89 -0.40 17.80
C SER A 125 15.55 -0.36 16.43
N VAL A 126 16.28 -1.43 16.14
CA VAL A 126 17.04 -1.56 14.90
C VAL A 126 16.89 -2.99 14.44
N GLU A 127 16.69 -3.20 13.15
CA GLU A 127 16.70 -4.57 12.65
C GLU A 127 17.58 -4.70 11.42
N ALA A 128 18.01 -5.93 11.14
CA ALA A 128 18.93 -6.18 10.04
C ALA A 128 18.37 -7.26 9.12
N TYR A 129 18.70 -7.14 7.85
CA TYR A 129 18.19 -8.05 6.83
C TYR A 129 19.31 -8.85 6.22
N ASN A 130 19.14 -10.17 6.20
CA ASN A 130 20.08 -11.07 5.57
C ASN A 130 19.51 -11.50 4.23
N ILE A 131 20.14 -11.05 3.15
CA ILE A 131 19.63 -11.28 1.81
C ILE A 131 19.73 -12.76 1.43
N LYS A 132 20.64 -13.49 2.05
CA LYS A 132 20.78 -14.91 1.76
C LYS A 132 19.56 -15.71 2.23
N SER A 133 18.97 -15.31 3.35
CA SER A 133 17.84 -16.04 3.91
C SER A 133 16.52 -15.29 3.75
N ASN A 134 16.59 -14.05 3.27
CA ASN A 134 15.40 -13.20 3.16
C ASN A 134 14.68 -13.10 4.50
N GLU A 135 15.45 -12.84 5.55
CA GLU A 135 14.92 -12.70 6.91
C GLU A 135 15.40 -11.42 7.57
N TRP A 136 14.51 -10.82 8.35
CA TRP A 136 14.87 -9.70 9.23
C TRP A 136 15.02 -10.18 10.67
N PHE A 137 15.94 -9.58 11.41
CA PHE A 137 16.06 -9.88 12.84
C PHE A 137 16.46 -8.61 13.58
N HIS A 138 15.97 -8.45 14.80
CA HIS A 138 16.39 -7.30 15.60
C HIS A 138 17.85 -7.43 16.01
N VAL A 139 18.51 -6.28 16.11
CA VAL A 139 19.83 -6.21 16.71
C VAL A 139 19.71 -5.26 17.90
N ALA A 140 20.83 -4.88 18.51
CA ALA A 140 20.76 -4.02 19.68
C ALA A 140 20.08 -2.70 19.33
N PRO A 141 19.22 -2.22 20.22
CA PRO A 141 18.60 -0.91 20.00
C PRO A 141 19.53 0.24 20.32
N MET A 142 19.22 1.41 19.76
CA MET A 142 19.98 2.63 20.05
C MET A 142 19.76 3.13 21.46
N ASN A 143 20.62 4.03 21.90
CA ASN A 143 20.48 4.60 23.22
C ASN A 143 19.28 5.52 23.33
N THR A 144 18.93 6.17 22.23
CA THR A 144 17.77 7.06 22.23
CA THR A 144 17.85 7.15 22.17
C THR A 144 16.87 6.76 21.05
N ARG A 145 15.57 7.01 21.26
CA ARG A 145 14.62 6.88 20.15
C ARG A 145 14.95 7.96 19.13
N ARG A 146 14.94 7.60 17.85
CA ARG A 146 15.23 8.56 16.80
C ARG A 146 14.31 8.36 15.61
N SER A 147 13.31 9.20 15.47
CA SER A 147 12.61 9.28 14.19
C SER A 147 13.29 10.34 13.33
N SER A 148 12.97 10.38 12.03
CA SER A 148 13.65 11.31 11.10
C SER A 148 15.16 11.29 11.30
N VAL A 149 15.70 10.10 11.32
CA VAL A 149 17.10 9.86 11.61
C VAL A 149 17.86 9.61 10.31
N GLY A 150 19.08 10.15 10.23
CA GLY A 150 19.96 9.89 9.11
C GLY A 150 21.02 8.91 9.52
N VAL A 151 21.50 8.11 8.56
CA VAL A 151 22.54 7.14 8.89
C VAL A 151 23.63 7.10 7.82
N GLY A 152 24.82 6.70 8.24
CA GLY A 152 25.91 6.53 7.31
C GLY A 152 26.88 5.51 7.85
N VAL A 153 27.65 4.91 6.95
CA VAL A 153 28.65 3.93 7.34
C VAL A 153 30.02 4.41 6.92
N VAL A 154 30.95 4.43 7.87
CA VAL A 154 32.32 4.77 7.56
C VAL A 154 33.23 3.99 8.50
N GLY A 155 34.35 3.49 7.96
CA GLY A 155 35.32 2.76 8.74
C GLY A 155 34.76 1.56 9.49
N GLY A 156 33.82 0.85 8.87
CA GLY A 156 33.28 -0.36 9.44
C GLY A 156 32.29 -0.16 10.58
N LEU A 157 31.86 1.09 10.78
CA LEU A 157 30.90 1.42 11.83
C LEU A 157 29.66 2.10 11.24
N LEU A 158 28.52 1.88 11.86
CA LEU A 158 27.26 2.50 11.43
C LEU A 158 26.92 3.64 12.37
N TYR A 159 26.57 4.80 11.80
CA TYR A 159 26.29 5.99 12.60
C TYR A 159 24.85 6.42 12.44
N ALA A 160 24.20 6.72 13.55
CA ALA A 160 22.85 7.26 13.55
C ALA A 160 22.93 8.71 14.01
N VAL A 161 22.50 9.60 13.14
CA VAL A 161 22.77 11.03 13.26
C VAL A 161 21.53 11.85 13.56
N GLY A 162 21.52 12.52 14.70
CA GLY A 162 20.39 13.38 15.03
C GLY A 162 19.06 12.66 15.05
N GLY A 163 18.03 13.36 14.58
CA GLY A 163 16.69 12.80 14.55
C GLY A 163 15.83 13.51 15.57
N TYR A 164 14.71 12.87 15.92
CA TYR A 164 13.74 13.44 16.84
C TYR A 164 13.43 12.42 17.91
N ASP A 165 13.47 12.87 19.17
CA ASP A 165 13.21 12.01 20.31
C ASP A 165 11.91 12.40 20.98
N VAL A 166 10.88 11.59 20.78
CA VAL A 166 9.59 11.95 21.34
C VAL A 166 9.55 11.93 22.88
N ALA A 167 10.46 11.19 23.52
CA ALA A 167 10.44 11.16 24.98
C ALA A 167 10.72 12.56 25.55
N SER A 168 11.73 13.23 24.98
CA SER A 168 12.09 14.56 25.44
C SER A 168 11.44 15.67 24.61
N ARG A 169 10.80 15.26 23.51
CA ARG A 169 10.21 16.17 22.51
C ARG A 169 11.27 17.08 21.94
N GLN A 170 12.45 16.52 21.71
CA GLN A 170 13.57 17.31 21.20
C GLN A 170 14.11 16.80 19.89
N CYS A 171 14.46 17.73 19.01
CA CYS A 171 15.35 17.41 17.92
C CYS A 171 16.74 17.23 18.48
N LEU A 172 17.50 16.33 17.89
CA LEU A 172 18.70 15.81 18.54
C LEU A 172 20.00 16.32 17.96
N SER A 173 20.94 16.66 18.84
CA SER A 173 22.31 16.97 18.44
C SER A 173 23.24 15.76 18.65
N THR A 174 22.73 14.72 19.30
CA THR A 174 23.58 13.56 19.60
C THR A 174 23.67 12.61 18.40
N VAL A 175 24.72 11.80 18.43
CA VAL A 175 25.03 10.85 17.38
C VAL A 175 25.55 9.60 18.06
N GLU A 176 25.16 8.43 17.56
CA GLU A 176 25.70 7.21 18.13
CA GLU A 176 25.58 7.15 18.12
C GLU A 176 26.17 6.28 17.04
N CYS A 177 27.04 5.37 17.41
CA CYS A 177 27.70 4.52 16.45
C CYS A 177 27.52 3.06 16.86
N TYR A 178 27.24 2.22 15.86
CA TYR A 178 26.98 0.82 16.09
C TYR A 178 28.17 -0.01 15.64
N ASN A 179 28.59 -0.90 16.54
CA ASN A 179 29.64 -1.87 16.27
C ASN A 179 29.00 -3.25 16.10
N ALA A 180 29.07 -3.82 14.90
CA ALA A 180 28.39 -5.08 14.64
C ALA A 180 29.10 -6.27 15.26
N THR A 181 30.36 -6.10 15.63
CA THR A 181 31.12 -7.17 16.28
C THR A 181 30.70 -7.32 17.74
N THR A 182 30.49 -6.20 18.41
CA THR A 182 30.08 -6.23 19.82
C THR A 182 28.56 -6.10 19.99
N ASN A 183 27.87 -5.78 18.89
CA ASN A 183 26.43 -5.52 18.91
C ASN A 183 26.09 -4.48 19.97
N GLU A 184 26.74 -3.33 19.86
CA GLU A 184 26.56 -2.26 20.84
C GLU A 184 26.51 -0.89 20.17
N TRP A 185 25.59 -0.06 20.65
CA TRP A 185 25.54 1.35 20.25
C TRP A 185 26.22 2.21 21.29
N THR A 186 27.05 3.16 20.85
CA THR A 186 27.78 4.04 21.74
CA THR A 186 27.69 4.07 21.78
C THR A 186 27.67 5.49 21.26
N TYR A 187 27.44 6.43 22.17
CA TYR A 187 27.44 7.85 21.77
C TYR A 187 28.85 8.26 21.34
N ILE A 188 28.89 9.06 20.28
CA ILE A 188 30.13 9.72 19.88
C ILE A 188 30.01 11.22 20.17
N ALA A 189 30.96 11.99 19.67
CA ALA A 189 30.91 13.44 19.84
C ALA A 189 29.58 13.99 19.33
N GLU A 190 29.03 14.95 20.06
N GLU A 190 29.08 14.99 20.05
CA GLU A 190 27.79 15.60 19.65
CA GLU A 190 27.83 15.68 19.73
C GLU A 190 28.05 16.62 18.56
C GLU A 190 28.02 16.72 18.63
N MET A 191 27.05 16.82 17.73
CA MET A 191 27.07 17.86 16.71
C MET A 191 26.95 19.24 17.33
N SER A 192 27.24 20.26 16.53
CA SER A 192 27.17 21.65 16.99
C SER A 192 25.75 22.12 17.24
N THR A 193 24.78 21.45 16.62
CA THR A 193 23.40 21.92 16.74
C THR A 193 22.44 20.73 16.60
N ARG A 194 21.20 20.94 17.02
CA ARG A 194 20.17 19.92 16.86
C ARG A 194 19.76 19.78 15.39
N ARG A 195 19.63 18.54 14.92
CA ARG A 195 19.22 18.28 13.54
C ARG A 195 18.31 17.08 13.47
N SER A 196 17.02 17.33 13.40
CA SER A 196 16.06 16.31 12.99
C SER A 196 16.00 16.33 11.45
N GLY A 197 15.86 15.16 10.82
CA GLY A 197 15.74 15.15 9.37
C GLY A 197 17.00 15.59 8.64
N ALA A 198 18.17 15.34 9.22
CA ALA A 198 19.43 15.63 8.54
C ALA A 198 19.69 14.62 7.44
N GLY A 199 20.21 15.11 6.32
CA GLY A 199 20.73 14.21 5.31
C GLY A 199 22.09 13.75 5.77
N VAL A 200 22.43 12.50 5.48
CA VAL A 200 23.73 11.98 5.90
C VAL A 200 24.42 11.31 4.73
N GLY A 201 25.71 11.61 4.57
CA GLY A 201 26.50 11.01 3.52
C GLY A 201 27.92 10.82 3.99
N VAL A 202 28.69 10.09 3.21
CA VAL A 202 30.08 9.82 3.53
C VAL A 202 30.90 10.13 2.32
N LEU A 203 31.92 10.96 2.51
CA LEU A 203 32.79 11.35 1.40
C LEU A 203 34.21 11.52 1.92
N ASN A 204 35.15 10.81 1.30
CA ASN A 204 36.56 10.84 1.69
C ASN A 204 36.79 10.62 3.18
N ASN A 205 36.14 9.58 3.71
CA ASN A 205 36.29 9.17 5.10
C ASN A 205 35.79 10.20 6.10
N LEU A 206 34.94 11.10 5.65
CA LEU A 206 34.25 12.03 6.53
C LEU A 206 32.75 11.77 6.48
N LEU A 207 32.10 11.84 7.64
CA LEU A 207 30.65 11.69 7.75
C LEU A 207 30.01 13.07 7.75
N TYR A 208 29.08 13.30 6.83
CA TYR A 208 28.42 14.60 6.69
C TYR A 208 27.03 14.61 7.27
N ALA A 209 26.72 15.63 8.06
CA ALA A 209 25.36 15.87 8.54
C ALA A 209 24.86 17.13 7.87
N VAL A 210 23.84 16.98 7.06
CA VAL A 210 23.42 18.02 6.13
C VAL A 210 22.04 18.59 6.50
N GLY A 211 21.97 19.87 6.83
CA GLY A 211 20.69 20.50 7.08
C GLY A 211 19.94 19.89 8.24
N GLY A 212 18.63 19.72 8.05
CA GLY A 212 17.75 19.24 9.10
C GLY A 212 16.97 20.40 9.72
N HIS A 213 16.36 20.16 10.86
CA HIS A 213 15.61 21.24 11.51
C HIS A 213 15.61 21.07 13.01
N ASP A 214 15.30 22.17 13.69
CA ASP A 214 15.02 22.16 15.12
C ASP A 214 13.71 22.89 15.27
N GLY A 215 12.62 22.15 15.48
CA GLY A 215 11.30 22.77 15.39
C GLY A 215 11.13 23.37 14.00
N PRO A 216 10.60 24.59 13.92
CA PRO A 216 10.40 25.21 12.62
C PRO A 216 11.67 25.80 12.03
N LEU A 217 12.80 25.67 12.71
CA LEU A 217 14.03 26.31 12.24
C LEU A 217 14.81 25.33 11.36
N VAL A 218 14.71 25.53 10.05
CA VAL A 218 15.35 24.62 9.11
C VAL A 218 16.78 25.09 8.81
N ARG A 219 17.73 24.16 8.83
CA ARG A 219 19.15 24.49 8.72
C ARG A 219 19.66 24.48 7.27
N LYS A 220 20.51 25.46 6.94
CA LYS A 220 21.33 25.32 5.73
C LYS A 220 22.75 24.92 6.09
N SER A 221 23.03 24.84 7.39
CA SER A 221 24.39 24.49 7.80
C SER A 221 24.67 23.01 7.61
N VAL A 222 25.95 22.68 7.53
CA VAL A 222 26.42 21.34 7.26
C VAL A 222 27.62 21.12 8.14
N GLU A 223 27.72 19.95 8.76
CA GLU A 223 28.96 19.70 9.50
C GLU A 223 29.51 18.31 9.19
N VAL A 224 30.79 18.13 9.49
N VAL A 224 30.79 18.14 9.47
CA VAL A 224 31.50 16.92 9.13
CA VAL A 224 31.47 16.89 9.14
C VAL A 224 32.22 16.30 10.32
C VAL A 224 32.11 16.29 10.38
N TYR A 225 32.16 14.97 10.39
CA TYR A 225 32.71 14.20 11.51
C TYR A 225 33.86 13.34 11.04
N ASP A 226 34.98 13.40 11.77
CA ASP A 226 36.15 12.57 11.52
C ASP A 226 36.27 11.52 12.62
N PRO A 227 36.02 10.24 12.28
CA PRO A 227 36.08 9.17 13.29
C PRO A 227 37.45 9.05 13.95
N THR A 228 38.51 9.44 13.25
CA THR A 228 39.85 9.29 13.80
C THR A 228 40.14 10.31 14.88
N THR A 229 39.41 11.42 14.89
CA THR A 229 39.60 12.41 15.94
C THR A 229 38.38 12.53 16.86
N ASN A 230 37.27 11.88 16.48
CA ASN A 230 36.00 11.98 17.19
C ASN A 230 35.62 13.45 17.40
N ALA A 231 35.65 14.23 16.32
CA ALA A 231 35.31 15.63 16.40
C ALA A 231 34.53 16.07 15.19
N TRP A 232 33.63 17.02 15.42
CA TRP A 232 32.83 17.65 14.37
C TRP A 232 33.37 19.04 14.07
N ARG A 233 33.19 19.49 12.83
CA ARG A 233 33.40 20.89 12.50
C ARG A 233 32.45 21.24 11.37
N GLN A 234 32.20 22.53 11.20
CA GLN A 234 31.26 22.99 10.18
C GLN A 234 31.99 23.22 8.87
N VAL A 235 31.28 23.02 7.76
CA VAL A 235 31.79 23.40 6.45
C VAL A 235 30.88 24.48 5.86
N ALA A 236 31.01 24.76 4.57
CA ALA A 236 30.19 25.81 3.96
C ALA A 236 28.70 25.50 4.09
N ASP A 237 27.90 26.54 4.33
CA ASP A 237 26.45 26.39 4.25
C ASP A 237 26.00 26.00 2.85
N MET A 238 24.93 25.22 2.78
CA MET A 238 24.23 25.03 1.51
C MET A 238 23.64 26.34 0.99
N ASN A 239 23.29 26.35 -0.30
CA ASN A 239 22.62 27.49 -0.88
C ASN A 239 21.22 27.70 -0.31
N MET A 240 20.57 26.61 0.06
CA MET A 240 19.28 26.79 0.71
C MET A 240 19.13 25.88 1.90
N CYS A 241 18.22 26.25 2.78
N CYS A 241 18.23 26.24 2.79
CA CYS A 241 17.86 25.43 3.92
CA CYS A 241 17.96 25.42 3.97
C CYS A 241 17.16 24.19 3.43
C CYS A 241 17.10 24.22 3.58
N ARG A 242 17.55 23.04 3.98
CA ARG A 242 16.92 21.79 3.61
C ARG A 242 16.81 20.83 4.77
N ARG A 243 15.61 20.30 4.98
N ARG A 243 15.61 20.31 4.99
CA ARG A 243 15.44 19.14 5.84
CA ARG A 243 15.41 19.15 5.84
C ARG A 243 14.85 18.03 4.99
C ARG A 243 14.85 18.02 4.98
N ASN A 244 15.05 16.79 5.42
CA ASN A 244 14.52 15.62 4.71
C ASN A 244 15.01 15.52 3.27
N ALA A 245 16.23 16.00 3.03
CA ALA A 245 16.86 15.86 1.72
C ALA A 245 17.56 14.50 1.62
N GLY A 246 17.66 13.99 0.41
CA GLY A 246 18.43 12.77 0.17
C GLY A 246 19.88 13.15 -0.06
N VAL A 247 20.79 12.27 0.32
CA VAL A 247 22.21 12.56 0.18
C VAL A 247 22.96 11.37 -0.40
N CYS A 248 23.86 11.64 -1.33
CA CYS A 248 24.75 10.59 -1.81
C CYS A 248 26.08 11.18 -2.26
N ALA A 249 27.06 10.30 -2.38
CA ALA A 249 28.39 10.74 -2.81
C ALA A 249 28.69 10.15 -4.17
N VAL A 250 29.15 10.98 -5.09
CA VAL A 250 29.44 10.54 -6.45
C VAL A 250 30.66 11.28 -6.97
N ASN A 251 31.66 10.52 -7.43
CA ASN A 251 32.81 11.10 -8.09
C ASN A 251 33.45 12.26 -7.33
N GLY A 252 33.60 12.08 -6.03
CA GLY A 252 34.31 13.04 -5.20
C GLY A 252 33.49 14.20 -4.71
N LEU A 253 32.18 14.18 -5.00
CA LEU A 253 31.28 15.27 -4.60
C LEU A 253 30.14 14.72 -3.77
N LEU A 254 29.58 15.56 -2.90
CA LEU A 254 28.40 15.18 -2.12
C LEU A 254 27.15 15.83 -2.70
N TYR A 255 26.20 15.01 -3.14
CA TYR A 255 24.96 15.54 -3.73
C TYR A 255 23.85 15.54 -2.69
N VAL A 256 23.11 16.65 -2.64
CA VAL A 256 21.97 16.76 -1.74
C VAL A 256 20.73 17.02 -2.59
N VAL A 257 19.71 16.19 -2.41
CA VAL A 257 18.60 16.13 -3.36
C VAL A 257 17.27 16.52 -2.73
N GLY A 258 16.64 17.57 -3.24
CA GLY A 258 15.32 17.94 -2.78
C GLY A 258 15.26 18.27 -1.30
N GLY A 259 14.22 17.79 -0.63
CA GLY A 259 13.98 18.13 0.76
C GLY A 259 12.93 19.23 0.84
N ASP A 260 12.80 19.86 2.01
CA ASP A 260 11.86 20.97 2.12
C ASP A 260 12.45 22.03 3.04
N ASP A 261 11.91 23.25 2.96
CA ASP A 261 12.43 24.36 3.78
C ASP A 261 11.49 24.67 4.95
N GLY A 262 10.62 23.72 5.28
CA GLY A 262 9.67 23.89 6.35
C GLY A 262 8.30 24.32 5.85
N SER A 263 8.28 24.89 4.64
CA SER A 263 7.03 25.35 4.04
C SER A 263 6.80 24.75 2.64
N CYS A 264 7.88 24.62 1.86
CA CYS A 264 7.79 24.18 0.48
C CYS A 264 8.74 23.02 0.18
N ASN A 265 8.32 22.11 -0.69
CA ASN A 265 9.19 21.04 -1.16
C ASN A 265 10.11 21.53 -2.28
N LEU A 266 11.37 21.10 -2.23
CA LEU A 266 12.37 21.59 -3.17
C LEU A 266 12.62 20.65 -4.34
N ALA A 267 12.76 21.21 -5.54
CA ALA A 267 13.05 20.40 -6.72
C ALA A 267 14.54 20.43 -7.06
N SER A 268 15.29 21.31 -6.41
CA SER A 268 16.69 21.50 -6.75
C SER A 268 17.61 20.47 -6.10
N VAL A 269 18.76 20.29 -6.72
CA VAL A 269 19.83 19.45 -6.19
C VAL A 269 21.05 20.35 -6.08
N GLU A 270 21.84 20.20 -5.02
CA GLU A 270 23.10 20.91 -5.00
C GLU A 270 24.21 19.98 -4.55
N TYR A 271 25.43 20.25 -5.00
CA TYR A 271 26.54 19.37 -4.63
C TYR A 271 27.67 20.15 -3.98
N TYR A 272 28.35 19.45 -3.09
CA TYR A 272 29.44 20.00 -2.32
C TYR A 272 30.76 19.47 -2.84
N ASN A 273 31.72 20.38 -3.00
CA ASN A 273 33.06 20.03 -3.41
C ASN A 273 33.98 20.31 -2.22
N PRO A 274 34.51 19.25 -1.58
CA PRO A 274 35.30 19.47 -0.37
C PRO A 274 36.65 20.12 -0.63
N THR A 275 37.08 20.18 -1.89
CA THR A 275 38.34 20.84 -2.21
C THR A 275 38.15 22.36 -2.33
N THR A 276 36.98 22.78 -2.80
CA THR A 276 36.72 24.21 -2.92
C THR A 276 35.85 24.75 -1.77
N ASP A 277 35.30 23.84 -0.96
CA ASP A 277 34.40 24.20 0.14
C ASP A 277 33.26 25.08 -0.39
N LYS A 278 32.69 24.65 -1.52
CA LYS A 278 31.58 25.37 -2.15
C LYS A 278 30.44 24.41 -2.47
N TRP A 279 29.22 24.93 -2.32
CA TRP A 279 28.00 24.25 -2.78
C TRP A 279 27.51 24.85 -4.09
N THR A 280 27.18 23.99 -5.04
CA THR A 280 26.72 24.40 -6.36
C THR A 280 25.36 23.81 -6.68
N VAL A 281 24.41 24.64 -7.07
CA VAL A 281 23.11 24.14 -7.47
C VAL A 281 23.18 23.55 -8.89
N VAL A 282 22.70 22.32 -9.04
CA VAL A 282 22.68 21.62 -10.33
C VAL A 282 21.69 22.31 -11.27
N SER A 283 22.09 22.52 -12.52
CA SER A 283 21.23 23.27 -13.44
C SER A 283 19.90 22.55 -13.74
N SER A 284 19.94 21.23 -13.82
CA SER A 284 18.70 20.49 -14.12
C SER A 284 18.04 19.95 -12.86
N CYS A 285 16.79 20.35 -12.65
N CYS A 285 16.80 20.36 -12.62
CA CYS A 285 16.03 19.92 -11.49
CA CYS A 285 16.07 19.92 -11.45
C CYS A 285 15.18 18.71 -11.77
C CYS A 285 15.18 18.73 -11.76
N MET A 286 14.64 18.11 -10.72
CA MET A 286 13.74 16.98 -10.87
C MET A 286 12.40 17.43 -11.45
N SER A 287 11.61 16.47 -11.93
CA SER A 287 10.30 16.75 -12.52
C SER A 287 9.38 17.54 -11.60
N THR A 288 9.61 17.43 -10.28
CA THR A 288 8.87 18.21 -9.32
C THR A 288 9.58 18.26 -7.97
N GLY A 289 9.24 19.26 -7.16
CA GLY A 289 9.81 19.35 -5.82
C GLY A 289 9.37 18.14 -5.01
N ARG A 290 10.32 17.49 -4.35
CA ARG A 290 9.95 16.35 -3.52
C ARG A 290 10.83 16.31 -2.28
N SER A 291 10.20 15.95 -1.18
CA SER A 291 10.87 15.79 0.10
C SER A 291 10.71 14.36 0.58
N TYR A 292 11.57 13.93 1.50
N TYR A 292 11.58 13.94 1.50
CA TYR A 292 11.48 12.59 2.06
CA TYR A 292 11.55 12.59 2.06
C TYR A 292 11.65 11.52 0.99
C TYR A 292 11.64 11.53 0.98
N ALA A 293 12.47 11.79 -0.02
CA ALA A 293 12.70 10.82 -1.09
C ALA A 293 13.91 9.98 -0.77
N GLY A 294 13.90 8.72 -1.21
CA GLY A 294 15.04 7.86 -1.04
C GLY A 294 16.03 8.19 -2.13
N VAL A 295 17.31 8.26 -1.78
CA VAL A 295 18.33 8.54 -2.77
C VAL A 295 19.51 7.60 -2.61
N THR A 296 19.94 7.01 -3.73
CA THR A 296 21.17 6.23 -3.72
C THR A 296 21.84 6.31 -5.08
N VAL A 297 23.03 5.73 -5.19
CA VAL A 297 23.80 5.75 -6.41
C VAL A 297 24.02 4.32 -6.87
N ILE A 298 23.87 4.08 -8.16
CA ILE A 298 24.09 2.75 -8.70
C ILE A 298 25.08 2.81 -9.85
N ASP A 299 25.61 1.65 -10.23
CA ASP A 299 26.48 1.58 -11.38
C ASP A 299 25.63 1.58 -12.65
N LYS A 300 26.08 2.30 -13.67
CA LYS A 300 25.33 2.43 -14.91
C LYS A 300 25.58 1.27 -15.85
N PRO B 15 -33.31 8.45 -5.09
CA PRO B 15 -32.09 8.85 -5.81
C PRO B 15 -30.86 8.11 -5.31
N LYS B 16 -30.35 7.20 -6.13
CA LYS B 16 -29.21 6.37 -5.77
C LYS B 16 -27.99 6.69 -6.61
N LEU B 17 -26.81 6.36 -6.08
CA LEU B 17 -25.57 6.38 -6.84
C LEU B 17 -24.92 5.01 -6.74
N MET B 18 -24.41 4.51 -7.85
CA MET B 18 -23.63 3.28 -7.84
C MET B 18 -22.17 3.65 -7.75
N VAL B 19 -21.45 3.03 -6.81
CA VAL B 19 -20.06 3.36 -6.58
C VAL B 19 -19.20 2.16 -6.94
N VAL B 20 -18.19 2.41 -7.78
CA VAL B 20 -17.31 1.35 -8.26
C VAL B 20 -15.89 1.71 -7.82
N VAL B 21 -15.27 0.83 -7.05
CA VAL B 21 -14.04 1.14 -6.34
C VAL B 21 -12.88 0.23 -6.74
N GLY B 22 -11.81 0.80 -7.27
CA GLY B 22 -10.63 0.02 -7.59
C GLY B 22 -10.88 -1.00 -8.68
N GLY B 23 -10.14 -2.11 -8.61
CA GLY B 23 -10.24 -3.16 -9.61
C GLY B 23 -8.94 -3.27 -10.39
N GLN B 24 -8.93 -4.15 -11.38
CA GLN B 24 -7.76 -4.33 -12.25
C GLN B 24 -8.10 -3.83 -13.63
N ALA B 25 -7.22 -3.02 -14.20
CA ALA B 25 -7.50 -2.40 -15.50
C ALA B 25 -6.24 -2.09 -16.31
N PRO B 26 -5.36 -3.09 -16.51
CA PRO B 26 -5.38 -4.49 -16.10
C PRO B 26 -4.71 -4.78 -14.75
N LYS B 27 -3.98 -3.81 -14.19
CA LYS B 27 -3.40 -3.98 -12.87
C LYS B 27 -4.22 -3.17 -11.86
N ALA B 28 -3.94 -3.35 -10.57
CA ALA B 28 -4.69 -2.65 -9.53
C ALA B 28 -4.69 -1.13 -9.72
N ILE B 29 -5.86 -0.52 -9.58
CA ILE B 29 -5.98 0.93 -9.72
C ILE B 29 -6.58 1.59 -8.48
N ARG B 30 -6.48 2.91 -8.42
CA ARG B 30 -7.04 3.67 -7.31
C ARG B 30 -8.41 4.26 -7.65
N SER B 31 -8.75 4.26 -8.93
CA SER B 31 -9.93 4.98 -9.40
C SER B 31 -11.22 4.58 -8.69
N VAL B 32 -12.00 5.59 -8.31
CA VAL B 32 -13.35 5.39 -7.80
C VAL B 32 -14.33 6.13 -8.68
N GLU B 33 -15.28 5.41 -9.26
CA GLU B 33 -16.27 6.02 -10.15
C GLU B 33 -17.65 5.90 -9.54
N CYS B 34 -18.50 6.86 -9.87
N CYS B 34 -18.47 6.92 -9.78
CA CYS B 34 -19.85 6.95 -9.31
CA CYS B 34 -19.86 6.90 -9.36
C CYS B 34 -20.88 7.18 -10.41
C CYS B 34 -20.74 7.00 -10.59
N TYR B 35 -21.86 6.30 -10.55
CA TYR B 35 -22.87 6.44 -11.59
C TYR B 35 -24.11 7.07 -11.01
N ASP B 36 -24.49 8.21 -11.59
CA ASP B 36 -25.67 8.95 -11.20
C ASP B 36 -26.81 8.52 -12.11
N PHE B 37 -27.80 7.85 -11.55
CA PHE B 37 -28.88 7.28 -12.36
C PHE B 37 -29.81 8.34 -12.95
N LYS B 38 -29.97 9.46 -12.25
CA LYS B 38 -30.81 10.54 -12.75
C LYS B 38 -30.12 11.27 -13.90
N GLU B 39 -28.86 11.66 -13.69
CA GLU B 39 -28.08 12.34 -14.73
C GLU B 39 -27.72 11.34 -15.84
N GLU B 40 -27.68 10.06 -15.47
CA GLU B 40 -27.23 8.99 -16.36
C GLU B 40 -25.80 9.27 -16.85
N ARG B 41 -24.93 9.65 -15.91
CA ARG B 41 -23.52 9.91 -16.20
C ARG B 41 -22.61 9.30 -15.13
N TRP B 42 -21.41 8.91 -15.55
CA TRP B 42 -20.36 8.49 -14.63
C TRP B 42 -19.54 9.69 -14.18
N HIS B 43 -19.03 9.61 -12.96
CA HIS B 43 -18.13 10.62 -12.41
C HIS B 43 -17.01 9.97 -11.63
N GLN B 44 -15.81 10.54 -11.72
CA GLN B 44 -14.72 10.16 -10.83
C GLN B 44 -14.87 10.90 -9.52
N VAL B 45 -14.79 10.19 -8.40
CA VAL B 45 -14.78 10.85 -7.10
C VAL B 45 -13.45 10.57 -6.42
N ALA B 46 -13.33 10.85 -5.13
CA ALA B 46 -12.01 10.73 -4.45
C ALA B 46 -11.43 9.32 -4.63
N GLU B 47 -10.21 9.25 -5.15
N GLU B 47 -10.20 9.26 -5.14
CA GLU B 47 -9.60 7.95 -5.39
CA GLU B 47 -9.52 8.00 -5.37
C GLU B 47 -9.19 7.27 -4.09
C GLU B 47 -9.20 7.27 -4.07
N LEU B 48 -9.08 5.95 -4.14
CA LEU B 48 -8.57 5.17 -3.02
C LEU B 48 -7.21 5.71 -2.65
N PRO B 49 -6.88 5.69 -1.35
CA PRO B 49 -5.56 6.15 -0.93
C PRO B 49 -4.45 5.31 -1.55
N SER B 50 -4.74 4.02 -1.77
CA SER B 50 -3.78 3.08 -2.32
C SER B 50 -4.45 2.21 -3.37
N ARG B 51 -3.69 1.79 -4.39
CA ARG B 51 -4.22 0.90 -5.43
C ARG B 51 -4.80 -0.37 -4.81
N ARG B 52 -6.00 -0.75 -5.24
CA ARG B 52 -6.62 -1.97 -4.74
C ARG B 52 -7.45 -2.64 -5.80
N CYS B 53 -7.37 -3.97 -5.83
CA CYS B 53 -8.35 -4.79 -6.51
C CYS B 53 -8.70 -5.96 -5.59
N ARG B 54 -9.73 -6.72 -5.96
CA ARG B 54 -10.10 -7.92 -5.21
C ARG B 54 -10.48 -7.66 -3.76
N ALA B 55 -11.01 -6.46 -3.51
CA ALA B 55 -11.44 -6.09 -2.15
C ALA B 55 -12.93 -6.33 -1.95
N GLY B 56 -13.34 -6.47 -0.70
CA GLY B 56 -14.75 -6.50 -0.36
C GLY B 56 -15.28 -5.08 -0.32
N MET B 57 -16.58 -4.91 -0.54
CA MET B 57 -17.15 -3.59 -0.57
C MET B 57 -18.56 -3.58 0.00
N VAL B 58 -18.82 -2.69 0.95
CA VAL B 58 -20.16 -2.57 1.50
C VAL B 58 -20.51 -1.13 1.81
N TYR B 59 -21.80 -0.89 1.95
CA TYR B 59 -22.33 0.38 2.42
C TYR B 59 -22.88 0.13 3.82
N MET B 60 -22.36 0.87 4.81
CA MET B 60 -22.78 0.67 6.19
C MET B 60 -22.64 1.97 6.94
N ALA B 61 -23.67 2.31 7.72
CA ALA B 61 -23.65 3.52 8.54
C ALA B 61 -23.33 4.77 7.71
N GLY B 62 -23.81 4.79 6.47
CA GLY B 62 -23.62 5.95 5.62
C GLY B 62 -22.26 6.05 4.94
N LEU B 63 -21.40 5.06 5.18
CA LEU B 63 -20.06 5.03 4.61
C LEU B 63 -19.86 3.85 3.67
N VAL B 64 -18.95 3.98 2.72
CA VAL B 64 -18.54 2.85 1.91
C VAL B 64 -17.28 2.26 2.50
N PHE B 65 -17.31 0.97 2.84
CA PHE B 65 -16.13 0.28 3.36
C PHE B 65 -15.46 -0.56 2.27
N ALA B 66 -14.17 -0.29 2.07
CA ALA B 66 -13.33 -1.10 1.19
C ALA B 66 -12.46 -1.99 2.06
N VAL B 67 -12.58 -3.31 1.83
CA VAL B 67 -12.08 -4.28 2.77
C VAL B 67 -11.04 -5.19 2.14
N GLY B 68 -9.81 -5.15 2.63
CA GLY B 68 -8.78 -6.04 2.12
C GLY B 68 -8.42 -5.80 0.68
N GLY B 69 -8.13 -6.88 -0.03
CA GLY B 69 -7.76 -6.80 -1.43
C GLY B 69 -6.29 -7.04 -1.71
N PHE B 70 -5.85 -6.51 -2.85
CA PHE B 70 -4.55 -6.81 -3.43
C PHE B 70 -4.01 -5.53 -4.02
N ASN B 71 -2.75 -5.21 -3.76
CA ASN B 71 -2.22 -3.94 -4.26
C ASN B 71 -1.34 -4.09 -5.51
N GLY B 72 -1.40 -5.27 -6.11
CA GLY B 72 -0.58 -5.58 -7.27
C GLY B 72 0.64 -6.39 -6.89
N SER B 73 0.98 -6.38 -5.60
CA SER B 73 2.15 -7.08 -5.10
C SER B 73 1.78 -8.04 -3.99
N LEU B 74 1.14 -7.50 -2.96
CA LEU B 74 0.79 -8.23 -1.75
C LEU B 74 -0.71 -8.20 -1.48
N ARG B 75 -1.21 -9.26 -0.86
CA ARG B 75 -2.57 -9.25 -0.34
C ARG B 75 -2.57 -8.51 0.99
N VAL B 76 -3.64 -7.76 1.27
CA VAL B 76 -3.59 -6.82 2.40
C VAL B 76 -4.68 -7.05 3.45
N ARG B 77 -4.46 -6.51 4.65
CA ARG B 77 -5.46 -6.58 5.71
C ARG B 77 -6.00 -5.20 6.00
N THR B 78 -5.66 -4.23 5.15
CA THR B 78 -6.14 -2.86 5.35
C THR B 78 -7.63 -2.73 5.05
N VAL B 79 -8.25 -1.73 5.67
CA VAL B 79 -9.65 -1.39 5.52
C VAL B 79 -9.76 0.12 5.51
N ASP B 80 -10.53 0.66 4.58
CA ASP B 80 -10.75 2.11 4.54
C ASP B 80 -12.22 2.42 4.37
N SER B 81 -12.66 3.55 4.90
CA SER B 81 -14.05 3.95 4.74
C SER B 81 -14.14 5.26 3.98
N TYR B 82 -15.16 5.35 3.14
CA TYR B 82 -15.39 6.51 2.29
C TYR B 82 -16.63 7.23 2.76
N ASP B 83 -16.48 8.51 3.06
CA ASP B 83 -17.60 9.38 3.42
C ASP B 83 -18.04 10.12 2.16
N PRO B 84 -19.21 9.76 1.61
CA PRO B 84 -19.66 10.33 0.33
C PRO B 84 -19.98 11.81 0.39
N VAL B 85 -20.25 12.31 1.59
CA VAL B 85 -20.60 13.71 1.76
C VAL B 85 -19.33 14.55 1.74
N LYS B 86 -18.32 14.08 2.47
CA LYS B 86 -17.05 14.78 2.52
C LYS B 86 -16.15 14.42 1.36
N ASP B 87 -16.49 13.32 0.67
CA ASP B 87 -15.68 12.83 -0.44
C ASP B 87 -14.25 12.57 0.00
N GLN B 88 -14.11 11.80 1.07
N GLN B 88 -14.08 11.82 1.08
CA GLN B 88 -12.83 11.53 1.72
CA GLN B 88 -12.74 11.50 1.53
C GLN B 88 -12.74 10.07 2.16
C GLN B 88 -12.69 10.13 2.19
N TRP B 89 -11.55 9.48 2.01
CA TRP B 89 -11.27 8.15 2.56
C TRP B 89 -10.54 8.24 3.89
N THR B 90 -10.85 7.35 4.81
CA THR B 90 -10.20 7.28 6.11
C THR B 90 -9.86 5.84 6.45
N SER B 91 -8.67 5.61 7.00
CA SER B 91 -8.30 4.26 7.41
C SER B 91 -9.13 3.81 8.61
N VAL B 92 -9.57 2.56 8.58
CA VAL B 92 -10.18 1.96 9.76
C VAL B 92 -9.31 0.78 10.20
N ALA B 93 -9.65 0.15 11.32
CA ALA B 93 -8.81 -0.93 11.86
C ALA B 93 -8.53 -2.01 10.83
N ASN B 94 -7.28 -2.45 10.75
CA ASN B 94 -6.92 -3.62 9.94
C ASN B 94 -7.64 -4.87 10.39
N MET B 95 -7.94 -5.74 9.43
CA MET B 95 -8.43 -7.08 9.73
C MET B 95 -7.35 -7.91 10.42
N ARG B 96 -7.77 -9.00 11.05
CA ARG B 96 -6.83 -9.95 11.62
C ARG B 96 -5.99 -10.60 10.52
N ASP B 97 -6.67 -11.03 9.45
CA ASP B 97 -6.03 -11.75 8.37
C ASP B 97 -5.94 -10.94 7.09
N ARG B 98 -4.87 -11.15 6.33
CA ARG B 98 -4.84 -10.67 4.95
C ARG B 98 -5.92 -11.39 4.19
N ARG B 99 -6.71 -10.64 3.43
CA ARG B 99 -7.80 -11.24 2.65
C ARG B 99 -7.94 -10.55 1.32
N SER B 100 -7.81 -11.32 0.24
CA SER B 100 -8.02 -10.84 -1.12
C SER B 100 -8.98 -11.81 -1.80
N THR B 101 -9.89 -11.28 -2.62
CA THR B 101 -10.97 -12.04 -3.28
C THR B 101 -11.96 -12.60 -2.25
N LEU B 102 -12.04 -11.90 -1.13
CA LEU B 102 -13.06 -12.16 -0.13
C LEU B 102 -14.40 -11.59 -0.56
N GLY B 103 -15.44 -11.96 0.18
CA GLY B 103 -16.71 -11.26 0.09
C GLY B 103 -16.95 -10.50 1.37
N ALA B 104 -17.62 -9.35 1.27
CA ALA B 104 -17.96 -8.59 2.46
C ALA B 104 -19.45 -8.29 2.45
N ALA B 105 -20.07 -8.33 3.63
CA ALA B 105 -21.49 -8.03 3.72
C ALA B 105 -21.83 -7.52 5.10
N VAL B 106 -22.93 -6.78 5.17
CA VAL B 106 -23.45 -6.29 6.44
C VAL B 106 -24.61 -7.14 6.90
N LEU B 107 -24.55 -7.58 8.15
CA LEU B 107 -25.63 -8.35 8.76
C LEU B 107 -25.82 -7.90 10.20
N ASN B 108 -27.02 -7.45 10.55
CA ASN B 108 -27.30 -6.99 11.90
C ASN B 108 -26.30 -5.96 12.44
N GLY B 109 -25.89 -5.04 11.58
CA GLY B 109 -25.04 -3.94 11.99
C GLY B 109 -23.55 -4.28 12.09
N LEU B 110 -23.21 -5.52 11.75
CA LEU B 110 -21.81 -5.94 11.70
C LEU B 110 -21.35 -6.15 10.27
N LEU B 111 -20.09 -5.81 10.02
CA LEU B 111 -19.50 -6.00 8.70
C LEU B 111 -18.71 -7.30 8.70
N TYR B 112 -19.11 -8.24 7.85
CA TYR B 112 -18.44 -9.53 7.77
C TYR B 112 -17.47 -9.59 6.60
N ALA B 113 -16.25 -10.06 6.84
CA ALA B 113 -15.26 -10.35 5.82
C ALA B 113 -15.14 -11.87 5.70
N VAL B 114 -15.53 -12.40 4.54
CA VAL B 114 -15.74 -13.83 4.38
C VAL B 114 -14.71 -14.43 3.45
N GLY B 115 -13.94 -15.39 3.94
CA GLY B 115 -13.02 -16.13 3.09
C GLY B 115 -11.97 -15.27 2.42
N GLY B 116 -11.66 -15.61 1.16
CA GLY B 116 -10.62 -14.93 0.43
C GLY B 116 -9.35 -15.75 0.38
N PHE B 117 -8.25 -15.04 0.17
CA PHE B 117 -6.94 -15.64 -0.07
C PHE B 117 -5.92 -14.75 0.64
N ASP B 118 -4.99 -15.35 1.38
CA ASP B 118 -4.05 -14.52 2.16
C ASP B 118 -2.66 -14.46 1.55
N GLY B 119 -2.52 -14.92 0.31
CA GLY B 119 -1.21 -14.98 -0.34
C GLY B 119 -0.58 -16.36 -0.29
N SER B 120 -1.12 -17.21 0.58
N SER B 120 -1.12 -17.22 0.56
CA SER B 120 -0.59 -18.56 0.79
CA SER B 120 -0.61 -18.58 0.67
C SER B 120 -1.62 -19.64 0.49
C SER B 120 -1.70 -19.59 0.35
N THR B 121 -2.79 -19.52 1.10
CA THR B 121 -3.91 -20.43 0.85
C THR B 121 -5.24 -19.71 0.94
N GLY B 122 -6.25 -20.30 0.32
CA GLY B 122 -7.60 -19.81 0.45
C GLY B 122 -8.04 -19.97 1.89
N LEU B 123 -9.03 -19.18 2.26
CA LEU B 123 -9.45 -19.10 3.66
C LEU B 123 -10.85 -19.60 3.87
N SER B 124 -11.04 -20.38 4.94
CA SER B 124 -12.38 -20.69 5.43
C SER B 124 -12.76 -19.75 6.59
N SER B 125 -11.79 -19.00 7.09
CA SER B 125 -12.03 -18.12 8.22
C SER B 125 -12.91 -16.93 7.83
N VAL B 126 -13.57 -16.38 8.84
CA VAL B 126 -14.47 -15.26 8.67
C VAL B 126 -14.27 -14.33 9.86
N GLU B 127 -14.25 -13.03 9.63
CA GLU B 127 -14.17 -12.11 10.76
C GLU B 127 -15.19 -11.01 10.59
N ALA B 128 -15.53 -10.36 11.68
CA ALA B 128 -16.57 -9.34 11.66
C ALA B 128 -16.06 -8.06 12.31
N TYR B 129 -16.58 -6.93 11.85
CA TYR B 129 -16.13 -5.61 12.30
C TYR B 129 -17.27 -4.91 13.02
N ASN B 130 -16.97 -4.42 14.22
CA ASN B 130 -17.91 -3.62 15.00
C ASN B 130 -17.51 -2.16 14.91
N ILE B 131 -18.32 -1.37 14.22
CA ILE B 131 -17.98 0.04 13.97
C ILE B 131 -17.99 0.89 15.24
N LYS B 132 -18.72 0.45 16.25
CA LYS B 132 -18.76 1.19 17.52
C LYS B 132 -17.41 1.16 18.22
N SER B 133 -16.70 0.04 18.12
CA SER B 133 -15.43 -0.12 18.82
C SER B 133 -14.23 -0.08 17.88
N ASN B 134 -14.50 -0.06 16.57
CA ASN B 134 -13.43 -0.12 15.57
C ASN B 134 -12.55 -1.35 15.82
N GLU B 135 -13.20 -2.49 16.01
CA GLU B 135 -12.52 -3.76 16.25
C GLU B 135 -13.01 -4.87 15.33
N TRP B 136 -12.08 -5.71 14.89
CA TRP B 136 -12.41 -6.94 14.19
C TRP B 136 -12.30 -8.12 15.14
N PHE B 137 -13.14 -9.13 14.93
CA PHE B 137 -13.02 -10.36 15.69
C PHE B 137 -13.41 -11.55 14.81
N HIS B 138 -12.77 -12.70 15.00
CA HIS B 138 -13.17 -13.87 14.23
C HIS B 138 -14.55 -14.35 14.65
N VAL B 139 -15.28 -14.89 13.69
CA VAL B 139 -16.51 -15.62 13.96
C VAL B 139 -16.32 -17.03 13.43
N ALA B 140 -17.37 -17.85 13.44
CA ALA B 140 -17.24 -19.25 13.03
C ALA B 140 -16.73 -19.37 11.61
N PRO B 141 -15.85 -20.35 11.35
CA PRO B 141 -15.37 -20.55 9.97
C PRO B 141 -16.34 -21.34 9.11
N MET B 142 -16.18 -21.17 7.81
CA MET B 142 -16.95 -21.94 6.83
C MET B 142 -16.44 -23.37 6.76
N ASN B 143 -17.26 -24.22 6.17
CA ASN B 143 -16.92 -25.62 5.98
C ASN B 143 -15.88 -25.87 4.92
N THR B 144 -15.74 -24.92 3.99
CA THR B 144 -14.70 -25.05 2.99
CA THR B 144 -14.78 -25.01 2.89
C THR B 144 -14.00 -23.71 2.79
N ARG B 145 -12.74 -23.80 2.40
CA ARG B 145 -12.02 -22.61 1.98
C ARG B 145 -12.71 -22.06 0.75
N ARG B 146 -12.88 -20.75 0.68
CA ARG B 146 -13.47 -20.13 -0.49
C ARG B 146 -12.71 -18.87 -0.83
N SER B 147 -11.81 -18.95 -1.81
CA SER B 147 -11.31 -17.72 -2.43
C SER B 147 -12.22 -17.36 -3.59
N SER B 148 -12.11 -16.13 -4.08
CA SER B 148 -13.01 -15.62 -5.12
C SER B 148 -14.48 -15.95 -4.80
N VAL B 149 -14.89 -15.62 -3.59
CA VAL B 149 -16.21 -15.98 -3.08
C VAL B 149 -17.10 -14.75 -3.17
N GLY B 150 -18.36 -14.97 -3.51
CA GLY B 150 -19.37 -13.92 -3.48
C GLY B 150 -20.27 -14.11 -2.27
N VAL B 151 -20.80 -13.01 -1.74
CA VAL B 151 -21.68 -13.12 -0.58
C VAL B 151 -22.91 -12.23 -0.71
N GLY B 152 -23.96 -12.63 -0.01
CA GLY B 152 -25.18 -11.84 0.01
C GLY B 152 -25.95 -12.11 1.28
N VAL B 153 -26.77 -11.14 1.65
CA VAL B 153 -27.59 -11.28 2.84
C VAL B 153 -29.07 -11.19 2.48
N VAL B 154 -29.85 -12.18 2.90
CA VAL B 154 -31.28 -12.15 2.70
C VAL B 154 -31.97 -12.85 3.87
N GLY B 155 -33.08 -12.27 4.32
CA GLY B 155 -33.85 -12.85 5.40
C GLY B 155 -33.05 -13.10 6.67
N GLY B 156 -32.13 -12.20 6.98
CA GLY B 156 -31.38 -12.30 8.22
C GLY B 156 -30.28 -13.35 8.25
N LEU B 157 -29.97 -13.89 7.08
CA LEU B 157 -28.90 -14.88 6.94
C LEU B 157 -27.87 -14.42 5.92
N LEU B 158 -26.63 -14.80 6.15
CA LEU B 158 -25.52 -14.48 5.25
C LEU B 158 -25.14 -15.71 4.44
N TYR B 159 -24.95 -15.52 3.13
CA TYR B 159 -24.64 -16.63 2.24
C TYR B 159 -23.28 -16.45 1.57
N ALA B 160 -22.51 -17.54 1.57
CA ALA B 160 -21.23 -17.57 0.87
C ALA B 160 -21.41 -18.48 -0.32
N VAL B 161 -21.23 -17.91 -1.52
CA VAL B 161 -21.62 -18.55 -2.77
C VAL B 161 -20.42 -18.94 -3.61
N GLY B 162 -20.30 -20.25 -3.85
CA GLY B 162 -19.25 -20.75 -4.73
C GLY B 162 -17.86 -20.36 -4.28
N GLY B 163 -17.02 -20.06 -5.25
CA GLY B 163 -15.63 -19.72 -4.98
C GLY B 163 -14.69 -20.82 -5.42
N TYR B 164 -13.48 -20.76 -4.91
CA TYR B 164 -12.46 -21.74 -5.28
C TYR B 164 -11.87 -22.37 -4.02
N ASP B 165 -11.78 -23.70 -4.01
CA ASP B 165 -11.24 -24.44 -2.86
C ASP B 165 -9.92 -25.11 -3.23
N VAL B 166 -8.81 -24.56 -2.75
CA VAL B 166 -7.50 -25.11 -3.12
C VAL B 166 -7.26 -26.51 -2.56
N ALA B 167 -7.96 -26.87 -1.48
CA ALA B 167 -7.79 -28.20 -0.88
C ALA B 167 -8.17 -29.27 -1.88
N SER B 168 -9.30 -29.07 -2.56
CA SER B 168 -9.77 -30.00 -3.58
C SER B 168 -9.38 -29.55 -4.99
N ARG B 169 -8.83 -28.34 -5.09
CA ARG B 169 -8.47 -27.74 -6.39
C ARG B 169 -9.68 -27.62 -7.31
N GLN B 170 -10.80 -27.24 -6.72
CA GLN B 170 -12.05 -27.14 -7.46
C GLN B 170 -12.70 -25.77 -7.35
N CYS B 171 -13.26 -25.30 -8.47
CA CYS B 171 -14.25 -24.24 -8.40
C CYS B 171 -15.52 -24.86 -7.82
N LEU B 172 -16.27 -24.08 -7.04
CA LEU B 172 -17.30 -24.64 -6.17
C LEU B 172 -18.73 -24.42 -6.64
N SER B 173 -19.55 -25.46 -6.54
CA SER B 173 -20.99 -25.32 -6.75
C SER B 173 -21.72 -25.23 -5.41
N THR B 174 -21.00 -25.43 -4.31
CA THR B 174 -21.65 -25.42 -3.00
C THR B 174 -21.84 -24.00 -2.48
N VAL B 175 -22.78 -23.87 -1.56
CA VAL B 175 -23.15 -22.60 -0.96
C VAL B 175 -23.40 -22.85 0.51
N GLU B 176 -22.93 -21.93 1.36
CA GLU B 176 -23.14 -22.05 2.80
C GLU B 176 -23.87 -20.85 3.34
N CYS B 177 -24.59 -21.08 4.42
CA CYS B 177 -25.38 -20.03 5.01
C CYS B 177 -24.96 -19.87 6.47
N TYR B 178 -24.79 -18.62 6.89
CA TYR B 178 -24.34 -18.30 8.24
C TYR B 178 -25.48 -17.76 9.06
N ASN B 179 -25.66 -18.35 10.22
CA ASN B 179 -26.63 -17.94 11.22
C ASN B 179 -25.89 -17.26 12.36
N ALA B 180 -26.13 -15.97 12.55
CA ALA B 180 -25.37 -15.21 13.55
C ALA B 180 -25.82 -15.51 14.97
N THR B 181 -27.02 -16.06 15.11
CA THR B 181 -27.52 -16.42 16.43
C THR B 181 -26.83 -17.67 16.96
N THR B 182 -26.64 -18.64 16.07
CA THR B 182 -25.98 -19.87 16.44
C THR B 182 -24.48 -19.84 16.11
N ASN B 183 -24.05 -18.83 15.36
CA ASN B 183 -22.64 -18.69 14.94
C ASN B 183 -22.15 -19.96 14.24
N GLU B 184 -22.89 -20.34 13.21
CA GLU B 184 -22.60 -21.56 12.48
C GLU B 184 -22.85 -21.39 11.01
N TRP B 185 -21.96 -21.95 10.21
CA TRP B 185 -22.16 -22.06 8.76
C TRP B 185 -22.68 -23.44 8.44
N THR B 186 -23.70 -23.50 7.57
CA THR B 186 -24.22 -24.78 7.13
CA THR B 186 -24.29 -24.76 7.14
C THR B 186 -24.43 -24.78 5.62
N TYR B 187 -24.20 -25.93 5.00
CA TYR B 187 -24.48 -26.05 3.57
C TYR B 187 -25.96 -25.96 3.25
N ILE B 188 -26.28 -25.23 2.18
CA ILE B 188 -27.64 -25.22 1.64
C ILE B 188 -27.64 -25.95 0.30
N ALA B 189 -28.74 -25.87 -0.43
CA ALA B 189 -28.81 -26.50 -1.75
C ALA B 189 -27.66 -26.03 -2.62
N GLU B 190 -27.11 -26.96 -3.41
N GLU B 190 -27.09 -26.94 -3.40
CA GLU B 190 -26.02 -26.65 -4.31
CA GLU B 190 -25.96 -26.56 -4.23
C GLU B 190 -26.54 -25.94 -5.57
C GLU B 190 -26.45 -26.02 -5.58
N MET B 191 -25.67 -25.12 -6.16
CA MET B 191 -26.00 -24.52 -7.45
C MET B 191 -25.92 -25.55 -8.55
N SER B 192 -26.46 -25.18 -9.72
CA SER B 192 -26.49 -26.06 -10.90
C SER B 192 -25.11 -26.31 -11.48
N THR B 193 -24.18 -25.41 -11.18
CA THR B 193 -22.85 -25.51 -11.78
C THR B 193 -21.82 -24.88 -10.86
N ARG B 194 -20.57 -25.22 -11.09
CA ARG B 194 -19.47 -24.61 -10.34
C ARG B 194 -19.28 -23.17 -10.74
N ARG B 195 -19.10 -22.30 -9.74
CA ARG B 195 -18.87 -20.88 -10.01
C ARG B 195 -17.86 -20.31 -9.04
N SER B 196 -16.63 -20.15 -9.51
CA SER B 196 -15.63 -19.31 -8.84
C SER B 196 -15.81 -17.87 -9.35
N GLY B 197 -15.65 -16.88 -8.48
CA GLY B 197 -15.75 -15.50 -8.95
C GLY B 197 -17.15 -15.12 -9.41
N ALA B 198 -18.17 -15.73 -8.80
CA ALA B 198 -19.54 -15.34 -9.10
C ALA B 198 -19.87 -13.99 -8.46
N GLY B 199 -20.60 -13.15 -9.19
CA GLY B 199 -21.17 -11.97 -8.58
C GLY B 199 -22.39 -12.39 -7.79
N VAL B 200 -22.62 -11.76 -6.64
CA VAL B 200 -23.78 -12.12 -5.83
C VAL B 200 -24.56 -10.89 -5.46
N GLY B 201 -25.87 -10.98 -5.60
CA GLY B 201 -26.72 -9.86 -5.25
C GLY B 201 -28.06 -10.38 -4.74
N VAL B 202 -28.85 -9.47 -4.18
CA VAL B 202 -30.15 -9.85 -3.65
C VAL B 202 -31.20 -8.89 -4.19
N LEU B 203 -32.28 -9.46 -4.73
CA LEU B 203 -33.36 -8.65 -5.29
C LEU B 203 -34.68 -9.35 -5.06
N ASN B 204 -35.63 -8.64 -4.44
CA ASN B 204 -36.95 -9.18 -4.15
C ASN B 204 -36.90 -10.53 -3.45
N ASN B 205 -36.05 -10.61 -2.42
CA ASN B 205 -35.94 -11.79 -1.57
C ASN B 205 -35.43 -13.05 -2.28
N LEU B 206 -34.76 -12.83 -3.41
CA LEU B 206 -34.02 -13.89 -4.10
C LEU B 206 -32.54 -13.58 -4.08
N LEU B 207 -31.74 -14.62 -3.88
CA LEU B 207 -30.29 -14.50 -3.94
C LEU B 207 -29.81 -14.89 -5.33
N TYR B 208 -29.07 -13.99 -5.98
CA TYR B 208 -28.57 -14.22 -7.34
C TYR B 208 -27.10 -14.61 -7.36
N ALA B 209 -26.76 -15.65 -8.13
CA ALA B 209 -25.39 -16.01 -8.40
C ALA B 209 -25.13 -15.75 -9.88
N VAL B 210 -24.24 -14.81 -10.16
CA VAL B 210 -24.10 -14.27 -11.51
C VAL B 210 -22.77 -14.63 -12.13
N GLY B 211 -22.78 -15.35 -13.24
CA GLY B 211 -21.53 -15.66 -13.95
C GLY B 211 -20.53 -16.45 -13.12
N GLY B 212 -19.25 -16.06 -13.21
CA GLY B 212 -18.20 -16.82 -12.54
C GLY B 212 -17.47 -17.70 -13.54
N HIS B 213 -16.67 -18.64 -13.06
CA HIS B 213 -15.96 -19.53 -13.97
C HIS B 213 -15.70 -20.88 -13.34
N ASP B 214 -15.40 -21.85 -14.20
CA ASP B 214 -14.89 -23.13 -13.77
C ASP B 214 -13.67 -23.35 -14.64
N GLY B 215 -12.48 -23.16 -14.06
CA GLY B 215 -11.27 -23.13 -14.86
C GLY B 215 -11.41 -22.05 -15.92
N PRO B 216 -11.01 -22.35 -17.16
CA PRO B 216 -11.11 -21.31 -18.19
C PRO B 216 -12.52 -21.08 -18.74
N LEU B 217 -13.51 -21.81 -18.22
CA LEU B 217 -14.84 -21.71 -18.76
C LEU B 217 -15.62 -20.65 -18.00
N VAL B 218 -15.75 -19.48 -18.62
CA VAL B 218 -16.42 -18.35 -17.97
C VAL B 218 -17.91 -18.38 -18.28
N ARG B 219 -18.73 -18.17 -17.26
CA ARG B 219 -20.18 -18.31 -17.36
C ARG B 219 -20.91 -17.01 -17.73
N LYS B 220 -21.90 -17.11 -18.62
CA LYS B 220 -22.89 -16.04 -18.76
C LYS B 220 -24.19 -16.42 -18.05
N SER B 221 -24.27 -17.63 -17.53
CA SER B 221 -25.50 -18.07 -16.86
C SER B 221 -25.63 -17.44 -15.50
N VAL B 222 -26.87 -17.37 -15.03
CA VAL B 222 -27.24 -16.74 -13.78
C VAL B 222 -28.27 -17.65 -13.11
N GLU B 223 -28.14 -17.87 -11.81
CA GLU B 223 -29.20 -18.61 -11.14
C GLU B 223 -29.64 -17.93 -9.85
N VAL B 224 -30.83 -18.29 -9.39
CA VAL B 224 -31.44 -17.63 -8.26
C VAL B 224 -31.87 -18.63 -7.22
N TYR B 225 -31.69 -18.24 -5.97
CA TYR B 225 -31.97 -19.09 -4.81
C TYR B 225 -33.09 -18.50 -3.98
N ASP B 226 -34.06 -19.33 -3.63
CA ASP B 226 -35.15 -18.92 -2.75
C ASP B 226 -34.99 -19.60 -1.40
N PRO B 227 -34.66 -18.83 -0.36
CA PRO B 227 -34.47 -19.42 0.97
C PRO B 227 -35.71 -20.12 1.49
N THR B 228 -36.90 -19.71 1.05
CA THR B 228 -38.11 -20.31 1.59
C THR B 228 -38.35 -21.71 1.05
N THR B 229 -37.74 -22.03 -0.09
CA THR B 229 -37.85 -23.38 -0.67
C THR B 229 -36.54 -24.15 -0.67
N ASN B 230 -35.45 -23.45 -0.36
CA ASN B 230 -34.09 -24.01 -0.43
C ASN B 230 -33.84 -24.66 -1.79
N ALA B 231 -34.11 -23.90 -2.84
CA ALA B 231 -33.91 -24.42 -4.19
C ALA B 231 -33.37 -23.35 -5.12
N TRP B 232 -32.56 -23.79 -6.08
CA TRP B 232 -32.02 -22.93 -7.12
C TRP B 232 -32.74 -23.16 -8.43
N ARG B 233 -32.82 -22.12 -9.26
CA ARG B 233 -33.22 -22.29 -10.65
C ARG B 233 -32.50 -21.24 -11.49
N GLN B 234 -32.41 -21.49 -12.79
CA GLN B 234 -31.71 -20.58 -13.68
C GLN B 234 -32.65 -19.53 -14.21
N VAL B 235 -32.12 -18.33 -14.46
CA VAL B 235 -32.87 -17.30 -15.17
C VAL B 235 -32.16 -17.00 -16.49
N ALA B 236 -32.52 -15.89 -17.14
CA ALA B 236 -31.88 -15.53 -18.41
C ALA B 236 -30.37 -15.38 -18.30
N ASP B 237 -29.66 -15.84 -19.34
CA ASP B 237 -28.23 -15.57 -19.47
C ASP B 237 -27.96 -14.08 -19.59
N MET B 238 -26.82 -13.65 -19.04
CA MET B 238 -26.31 -12.33 -19.35
C MET B 238 -25.96 -12.21 -20.82
N ASN B 239 -25.80 -10.97 -21.27
CA ASN B 239 -25.35 -10.72 -22.64
C ASN B 239 -23.92 -11.17 -22.85
N MET B 240 -23.11 -11.09 -21.81
CA MET B 240 -21.76 -11.60 -21.95
C MET B 240 -21.34 -12.40 -20.76
N CYS B 241 -20.36 -13.25 -20.99
N CYS B 241 -20.36 -13.27 -20.96
CA CYS B 241 -19.76 -14.03 -19.92
CA CYS B 241 -19.84 -14.07 -19.88
C CYS B 241 -19.02 -13.08 -19.00
C CYS B 241 -18.93 -13.23 -19.00
N ARG B 242 -19.19 -13.26 -17.70
CA ARG B 242 -18.49 -12.41 -16.75
C ARG B 242 -18.07 -13.18 -15.53
N ARG B 243 -16.82 -13.06 -15.16
N ARG B 243 -16.80 -13.07 -15.17
CA ARG B 243 -16.41 -13.49 -13.84
CA ARG B 243 -16.34 -13.51 -13.86
C ARG B 243 -15.82 -12.28 -13.13
C ARG B 243 -15.79 -12.28 -13.12
N ASN B 244 -15.85 -12.31 -11.80
CA ASN B 244 -15.30 -11.21 -11.00
C ASN B 244 -15.97 -9.86 -11.28
N ALA B 245 -17.25 -9.92 -11.64
CA ALA B 245 -18.06 -8.73 -11.80
C ALA B 245 -18.62 -8.28 -10.46
N GLY B 246 -18.87 -6.98 -10.34
CA GLY B 246 -19.54 -6.43 -9.17
C GLY B 246 -21.04 -6.49 -9.38
N VAL B 247 -21.78 -6.65 -8.31
CA VAL B 247 -23.23 -6.77 -8.42
C VAL B 247 -23.93 -5.93 -7.37
N CYS B 248 -24.99 -5.23 -7.77
CA CYS B 248 -25.81 -4.53 -6.80
C CYS B 248 -27.24 -4.44 -7.30
N ALA B 249 -28.15 -4.16 -6.38
CA ALA B 249 -29.56 -4.04 -6.72
C ALA B 249 -29.99 -2.60 -6.55
N VAL B 250 -30.68 -2.07 -7.54
CA VAL B 250 -31.13 -0.69 -7.52
C VAL B 250 -32.49 -0.56 -8.16
N ASN B 251 -33.44 0.00 -7.41
CA ASN B 251 -34.75 0.33 -7.94
C ASN B 251 -35.39 -0.82 -8.70
N GLY B 252 -35.32 -2.01 -8.14
CA GLY B 252 -35.99 -3.16 -8.70
C GLY B 252 -35.23 -3.92 -9.78
N LEU B 253 -34.00 -3.52 -10.04
CA LEU B 253 -33.16 -4.15 -11.06
C LEU B 253 -31.86 -4.64 -10.46
N LEU B 254 -31.28 -5.67 -11.06
CA LEU B 254 -29.97 -6.14 -10.64
C LEU B 254 -28.88 -5.67 -11.60
N TYR B 255 -27.93 -4.87 -11.13
CA TYR B 255 -26.85 -4.39 -11.98
C TYR B 255 -25.60 -5.22 -11.84
N VAL B 256 -24.98 -5.54 -12.96
CA VAL B 256 -23.72 -6.29 -12.99
C VAL B 256 -22.68 -5.44 -13.70
N VAL B 257 -21.57 -5.22 -13.01
CA VAL B 257 -20.61 -4.20 -13.40
C VAL B 257 -19.26 -4.79 -13.76
N GLY B 258 -18.83 -4.60 -15.00
CA GLY B 258 -17.50 -5.01 -15.43
C GLY B 258 -17.23 -6.49 -15.28
N GLY B 259 -16.05 -6.84 -14.80
CA GLY B 259 -15.65 -8.24 -14.74
C GLY B 259 -14.72 -8.55 -15.89
N ASP B 260 -14.47 -9.84 -16.13
N ASP B 260 -14.55 -9.84 -16.15
CA ASP B 260 -13.67 -10.22 -17.27
CA ASP B 260 -13.62 -10.32 -17.16
C ASP B 260 -14.26 -11.48 -17.89
C ASP B 260 -14.24 -11.52 -17.87
N ASP B 261 -13.94 -11.72 -19.15
CA ASP B 261 -14.49 -12.85 -19.89
C ASP B 261 -13.48 -13.97 -20.07
N GLY B 262 -12.43 -13.94 -19.26
CA GLY B 262 -11.38 -14.94 -19.35
C GLY B 262 -10.20 -14.44 -20.14
N SER B 263 -10.43 -13.40 -20.95
CA SER B 263 -9.37 -12.80 -21.75
C SER B 263 -9.25 -11.28 -21.54
N CYS B 264 -10.38 -10.60 -21.44
CA CYS B 264 -10.40 -9.14 -21.35
C CYS B 264 -11.24 -8.61 -20.19
N ASN B 265 -10.81 -7.48 -19.62
CA ASN B 265 -11.59 -6.79 -18.60
C ASN B 265 -12.69 -5.95 -19.25
N LEU B 266 -13.89 -6.01 -18.69
CA LEU B 266 -15.05 -5.41 -19.33
C LEU B 266 -15.37 -4.03 -18.78
N ALA B 267 -15.75 -3.11 -19.66
CA ALA B 267 -16.13 -1.76 -19.23
C ALA B 267 -17.64 -1.63 -19.14
N SER B 268 -18.35 -2.63 -19.66
CA SER B 268 -19.80 -2.56 -19.73
C SER B 268 -20.49 -2.95 -18.42
N VAL B 269 -21.71 -2.45 -18.29
CA VAL B 269 -22.60 -2.78 -17.20
C VAL B 269 -23.87 -3.32 -17.81
N GLU B 270 -24.48 -4.33 -17.21
CA GLU B 270 -25.80 -4.73 -17.69
C GLU B 270 -26.72 -4.97 -16.51
N TYR B 271 -28.02 -4.79 -16.73
CA TYR B 271 -28.95 -4.98 -15.64
C TYR B 271 -30.03 -5.98 -15.99
N TYR B 272 -30.50 -6.63 -14.95
CA TYR B 272 -31.53 -7.65 -15.06
C TYR B 272 -32.85 -7.14 -14.52
N ASN B 273 -33.92 -7.39 -15.27
CA ASN B 273 -35.27 -7.07 -14.88
C ASN B 273 -36.01 -8.38 -14.63
N PRO B 274 -36.32 -8.69 -13.36
CA PRO B 274 -36.93 -9.99 -13.07
C PRO B 274 -38.37 -10.09 -13.56
N THR B 275 -38.97 -8.98 -13.96
CA THR B 275 -40.32 -9.00 -14.50
C THR B 275 -40.29 -9.37 -15.99
N THR B 276 -39.26 -8.95 -16.70
CA THR B 276 -39.17 -9.29 -18.12
C THR B 276 -38.21 -10.44 -18.38
N ASP B 277 -37.45 -10.83 -17.35
CA ASP B 277 -36.44 -11.88 -17.49
C ASP B 277 -35.48 -11.56 -18.65
N LYS B 278 -35.04 -10.31 -18.68
CA LYS B 278 -34.13 -9.85 -19.73
C LYS B 278 -32.96 -9.10 -19.12
N TRP B 279 -31.80 -9.27 -19.72
CA TRP B 279 -30.61 -8.48 -19.39
C TRP B 279 -30.41 -7.40 -20.44
N THR B 280 -30.14 -6.18 -19.98
CA THR B 280 -29.94 -5.04 -20.87
C THR B 280 -28.59 -4.39 -20.63
N VAL B 281 -27.82 -4.17 -21.69
CA VAL B 281 -26.55 -3.49 -21.54
C VAL B 281 -26.77 -1.97 -21.39
N VAL B 282 -26.19 -1.39 -20.34
CA VAL B 282 -26.29 0.04 -20.08
C VAL B 282 -25.54 0.81 -21.18
N SER B 283 -26.13 1.88 -21.69
CA SER B 283 -25.52 2.58 -22.81
C SER B 283 -24.17 3.23 -22.48
N SER B 284 -24.01 3.75 -21.26
CA SER B 284 -22.74 4.40 -20.89
C SER B 284 -21.83 3.47 -20.09
N CYS B 285 -20.62 3.25 -20.60
N CYS B 285 -20.62 3.29 -20.60
CA CYS B 285 -19.70 2.36 -19.88
CA CYS B 285 -19.61 2.44 -19.98
C CYS B 285 -18.74 3.16 -19.00
C CYS B 285 -18.78 3.19 -18.94
N MET B 286 -18.01 2.44 -18.15
CA MET B 286 -17.03 3.05 -17.28
C MET B 286 -15.83 3.58 -18.09
N SER B 287 -15.04 4.44 -17.47
CA SER B 287 -13.87 5.03 -18.11
C SER B 287 -12.89 4.00 -18.67
N THR B 288 -12.91 2.80 -18.08
CA THR B 288 -12.11 1.71 -18.60
C THR B 288 -12.62 0.36 -18.08
N GLY B 289 -12.30 -0.70 -18.82
CA GLY B 289 -12.67 -2.04 -18.40
C GLY B 289 -11.99 -2.38 -17.09
N ARG B 290 -12.75 -2.91 -16.15
CA ARG B 290 -12.14 -3.30 -14.89
C ARG B 290 -12.80 -4.56 -14.33
N SER B 291 -11.96 -5.40 -13.76
N SER B 291 -11.98 -5.43 -13.76
CA SER B 291 -12.41 -6.60 -13.10
CA SER B 291 -12.49 -6.60 -13.06
C SER B 291 -12.00 -6.54 -11.63
C SER B 291 -12.08 -6.56 -11.59
N TYR B 292 -12.67 -7.33 -10.81
N TYR B 292 -12.75 -7.37 -10.78
CA TYR B 292 -12.37 -7.41 -9.38
CA TYR B 292 -12.49 -7.43 -9.34
C TYR B 292 -12.57 -6.04 -8.71
C TYR B 292 -12.59 -6.05 -8.70
N ALA B 293 -13.55 -5.27 -9.17
CA ALA B 293 -13.81 -3.97 -8.58
C ALA B 293 -14.87 -4.12 -7.50
N GLY B 294 -14.80 -3.28 -6.47
CA GLY B 294 -15.84 -3.27 -5.47
C GLY B 294 -17.02 -2.46 -5.97
N VAL B 295 -18.22 -2.95 -5.72
CA VAL B 295 -19.40 -2.24 -6.15
C VAL B 295 -20.43 -2.17 -5.03
N THR B 296 -20.96 -0.98 -4.79
CA THR B 296 -22.07 -0.84 -3.86
C THR B 296 -22.98 0.31 -4.27
N VAL B 297 -24.09 0.47 -3.57
CA VAL B 297 -25.03 1.56 -3.85
C VAL B 297 -25.14 2.43 -2.62
N ILE B 298 -25.17 3.73 -2.84
CA ILE B 298 -25.35 4.68 -1.73
C ILE B 298 -26.50 5.62 -2.05
N ASP B 299 -26.98 6.31 -1.03
CA ASP B 299 -28.02 7.33 -1.25
C ASP B 299 -27.40 8.62 -1.76
N LYS B 300 -28.06 9.26 -2.71
CA LYS B 300 -27.52 10.50 -3.31
C LYS B 300 -27.87 11.71 -2.47
N GLU C 1 -4.76 8.58 11.97
CA GLU C 1 -3.61 9.15 12.66
C GLU C 1 -3.00 10.29 11.84
N PRO C 2 -2.27 11.20 12.52
CA PRO C 2 -1.67 12.36 11.86
C PRO C 2 -0.74 11.93 10.74
N GLU C 3 -0.87 12.58 9.58
CA GLU C 3 -0.07 12.23 8.42
C GLU C 3 1.33 12.82 8.52
N GLU C 4 1.52 13.79 9.40
CA GLU C 4 2.83 14.42 9.51
C GLU C 4 3.84 13.51 10.19
N PRO C 5 5.13 13.69 9.85
CA PRO C 5 6.18 12.99 10.61
C PRO C 5 6.08 13.33 12.10
N GLU C 6 6.61 12.44 12.93
CA GLU C 6 6.51 12.61 14.38
C GLU C 6 7.05 13.97 14.85
N ALA C 7 8.19 14.36 14.29
CA ALA C 7 8.81 15.62 14.68
C ALA C 7 7.90 16.82 14.43
N ASP C 8 6.97 16.67 13.50
CA ASP C 8 6.07 17.76 13.11
C ASP C 8 4.68 17.68 13.75
N GLN C 9 4.46 16.68 14.60
CA GLN C 9 3.14 16.54 15.22
C GLN C 9 3.04 17.34 16.48
N HIS C 10 1.91 18.01 16.67
CA HIS C 10 1.69 18.84 17.85
C HIS C 10 0.26 18.70 18.37
N GLU D 1 5.53 -13.82 -4.82
CA GLU D 1 4.36 -14.67 -5.01
C GLU D 1 3.60 -14.30 -6.28
N PRO D 2 2.86 -15.26 -6.85
CA PRO D 2 2.08 -15.07 -8.08
C PRO D 2 1.03 -13.98 -7.93
N GLU D 3 0.91 -13.10 -8.90
CA GLU D 3 -0.04 -12.00 -8.82
C GLU D 3 -1.46 -12.44 -9.15
N GLU D 4 -1.60 -13.61 -9.74
CA GLU D 4 -2.93 -14.09 -10.13
C GLU D 4 -3.71 -14.51 -8.90
N PRO D 5 -5.05 -14.40 -8.98
CA PRO D 5 -5.91 -14.98 -7.95
C PRO D 5 -5.64 -16.48 -7.81
N GLU D 6 -5.93 -17.03 -6.64
CA GLU D 6 -5.63 -18.42 -6.35
C GLU D 6 -6.24 -19.37 -7.37
N ALA D 7 -7.49 -19.09 -7.77
CA ALA D 7 -8.19 -19.94 -8.72
C ALA D 7 -7.46 -20.02 -10.06
N ASP D 8 -6.64 -19.01 -10.35
CA ASP D 8 -5.94 -18.95 -11.63
C ASP D 8 -4.48 -19.42 -11.56
N GLN D 9 -4.05 -19.85 -10.38
CA GLN D 9 -2.64 -20.26 -10.20
C GLN D 9 -2.42 -21.73 -10.52
N HIS D 10 -1.33 -22.02 -11.21
CA HIS D 10 -0.97 -23.38 -11.61
C HIS D 10 0.52 -23.63 -11.43
#